data_1WL4
#
_entry.id   1WL4
#
_cell.length_a   57.860
_cell.length_b   109.830
_cell.length_c   155.690
_cell.angle_alpha   90.00
_cell.angle_beta   90.00
_cell.angle_gamma   90.00
#
_symmetry.space_group_name_H-M   'I 2 2 2'
#
loop_
_entity.id
_entity.type
_entity.pdbx_description
1 polymer 'acetyl-Coenzyme A acetyltransferase 2'
2 non-polymer 'SULFATE ION'
3 non-polymer 'COENZYME A'
4 non-polymer GLYCEROL
5 water water
#
_entity_poly.entity_id   1
_entity_poly.type   'polypeptide(L)'
_entity_poly.pdbx_seq_one_letter_code
;MNAGSDPVVIVSAARTIIGSFNGALAAVPVQDLGSTVIKEVLKRATVAPEDVSEVIFGHVLAAGCGQNPVRQASVGAGIP
YSVPAWSCQMI(CSO)GSGLKAVCLAVQSIGIGDSSIVVAGGMENMSKAPHLAYLRTGVKIGEMPLTDSILCDGLTDAFH
NCHMGITAENVAKKWQVSREDQDKVAVLSQNRTENAQKAGHFDKEIVPVLVSTRKGLIEVKTDEFPRHGSNIEAMSKLKP
YFLTDGTGTVTPANASGINDGAAAVVLMKKSEADKRGLTPLARIVSWSQVGVEPSIMGIGPIPAIKQAVTKAGWSLEDVD
IFEINEAFAAVSAAIVKELGLNPEKVNIEGGAIALGHPLGASGCRILVTLLHTLERMGRSRGVAALCIGGGMGIAMCVQR
E
;
_entity_poly.pdbx_strand_id   A
#
loop_
_chem_comp.id
_chem_comp.type
_chem_comp.name
_chem_comp.formula
COA non-polymer 'COENZYME A' 'C21 H36 N7 O16 P3 S'
GOL non-polymer GLYCEROL 'C3 H8 O3'
SO4 non-polymer 'SULFATE ION' 'O4 S -2'
#
# COMPACT_ATOMS: atom_id res chain seq x y z
N GLY A 4 19.93 -14.25 -4.35
CA GLY A 4 20.92 -14.92 -5.27
C GLY A 4 21.63 -16.07 -4.59
N SER A 5 21.43 -17.28 -5.11
CA SER A 5 21.84 -18.54 -4.44
C SER A 5 21.05 -18.84 -3.16
N ASP A 6 21.11 -17.90 -2.23
CA ASP A 6 20.27 -17.97 -1.00
C ASP A 6 19.42 -16.69 -0.83
N PRO A 7 18.41 -16.55 -1.67
CA PRO A 7 17.65 -15.29 -1.70
C PRO A 7 16.75 -15.19 -0.46
N VAL A 8 16.30 -13.96 -0.23
CA VAL A 8 15.23 -13.71 0.74
C VAL A 8 13.91 -14.17 0.14
N VAL A 9 13.13 -14.84 0.96
CA VAL A 9 11.82 -15.32 0.58
C VAL A 9 10.73 -14.84 1.54
N ILE A 10 9.51 -14.81 1.03
CA ILE A 10 8.34 -14.40 1.79
C ILE A 10 7.54 -15.67 2.09
N VAL A 11 7.36 -15.98 3.36
CA VAL A 11 6.68 -17.22 3.75
C VAL A 11 5.18 -17.05 3.95
N SER A 12 4.77 -15.92 4.47
CA SER A 12 3.36 -15.64 4.71
C SER A 12 3.09 -14.16 4.45
N ALA A 13 1.81 -13.85 4.15
CA ALA A 13 1.42 -12.50 3.72
C ALA A 13 -0.06 -12.33 4.01
N ALA A 14 -0.42 -11.35 4.83
CA ALA A 14 -1.82 -11.13 5.18
C ALA A 14 -2.12 -9.63 5.32
N ARG A 15 -3.40 -9.30 5.24
CA ARG A 15 -3.82 -7.91 5.38
C ARG A 15 -5.13 -7.82 6.10
N THR A 16 -5.36 -6.69 6.75
CA THR A 16 -6.69 -6.39 7.15
C THR A 16 -7.53 -6.03 5.91
N ILE A 17 -8.84 -6.02 6.08
CA ILE A 17 -9.67 -5.30 5.14
C ILE A 17 -9.24 -3.81 5.15
N ILE A 18 -9.59 -3.11 4.08
CA ILE A 18 -9.36 -1.69 4.00
C ILE A 18 -10.68 -1.03 4.34
N GLY A 19 -10.66 -0.20 5.38
CA GLY A 19 -11.86 0.54 5.84
C GLY A 19 -12.00 1.87 5.17
N SER A 20 -13.26 2.27 4.98
CA SER A 20 -13.56 3.59 4.46
C SER A 20 -13.20 4.65 5.52
N PHE A 21 -12.98 5.87 5.02
CA PHE A 21 -12.66 7.03 5.88
C PHE A 21 -13.82 7.20 6.84
N ASN A 22 -13.48 7.26 8.12
CA ASN A 22 -14.47 7.39 9.20
C ASN A 22 -15.46 6.23 9.23
N GLY A 23 -15.00 5.06 8.75
CA GLY A 23 -15.82 3.86 8.65
C GLY A 23 -15.48 2.74 9.60
N ALA A 24 -15.44 1.52 9.06
CA ALA A 24 -15.48 0.31 9.86
C ALA A 24 -14.30 0.10 10.81
N LEU A 25 -13.13 0.65 10.41
CA LEU A 25 -11.94 0.55 11.24
C LEU A 25 -11.56 1.83 11.95
N ALA A 26 -12.41 2.84 11.89
CA ALA A 26 -12.04 4.15 12.38
C ALA A 26 -11.74 4.22 13.86
N ALA A 27 -12.34 3.32 14.62
CA ALA A 27 -12.13 3.29 16.06
C ALA A 27 -10.99 2.39 16.48
N VAL A 28 -10.35 1.74 15.51
CA VAL A 28 -9.25 0.83 15.83
C VAL A 28 -7.91 1.55 15.74
N PRO A 29 -7.19 1.71 16.85
CA PRO A 29 -5.89 2.37 16.79
C PRO A 29 -4.97 1.68 15.75
N VAL A 30 -4.16 2.48 15.06
CA VAL A 30 -3.30 1.92 14.03
C VAL A 30 -2.45 0.76 14.52
N GLN A 31 -1.92 0.88 15.72
CA GLN A 31 -1.09 -0.17 16.28
C GLN A 31 -1.83 -1.51 16.48
N ASP A 32 -3.16 -1.43 16.68
CA ASP A 32 -3.95 -2.65 16.81
C ASP A 32 -4.21 -3.32 15.44
N LEU A 33 -4.35 -2.49 14.39
CA LEU A 33 -4.33 -3.02 13.03
C LEU A 33 -3.00 -3.73 12.79
N GLY A 34 -1.91 -3.06 13.15
CA GLY A 34 -0.58 -3.70 13.03
C GLY A 34 -0.46 -5.02 13.78
N SER A 35 -0.88 -5.03 15.05
CA SER A 35 -0.78 -6.24 15.84
C SER A 35 -1.58 -7.37 15.18
N THR A 36 -2.72 -7.05 14.61
CA THR A 36 -3.58 -8.05 14.02
C THR A 36 -2.84 -8.76 12.89
N VAL A 37 -2.24 -8.00 12.00
CA VAL A 37 -1.53 -8.64 10.88
C VAL A 37 -0.21 -9.32 11.28
N ILE A 38 0.52 -8.75 12.23
CA ILE A 38 1.79 -9.31 12.68
C ILE A 38 1.52 -10.67 13.31
N LYS A 39 0.54 -10.71 14.23
CA LYS A 39 0.27 -11.97 14.92
C LYS A 39 -0.15 -13.06 13.89
N GLU A 40 -0.94 -12.61 12.92
CA GLU A 40 -1.49 -13.53 11.95
C GLU A 40 -0.45 -14.08 11.01
N VAL A 41 0.46 -13.21 10.49
CA VAL A 41 1.47 -13.79 9.55
C VAL A 41 2.44 -14.74 10.27
N LEU A 42 2.68 -14.51 11.56
CA LEU A 42 3.52 -15.42 12.34
C LEU A 42 2.82 -16.76 12.55
N LYS A 43 1.52 -16.70 12.85
CA LYS A 43 0.69 -17.90 12.96
C LYS A 43 0.72 -18.70 11.65
N ARG A 44 0.44 -17.99 10.55
CA ARG A 44 0.43 -18.62 9.24
C ARG A 44 1.74 -19.29 8.88
N ALA A 45 2.84 -18.62 9.21
CA ALA A 45 4.18 -19.13 8.90
C ALA A 45 4.68 -20.18 9.87
N THR A 46 3.91 -20.41 10.95
CA THR A 46 4.34 -21.28 12.08
C THR A 46 5.72 -20.86 12.62
N VAL A 47 5.89 -19.56 12.76
CA VAL A 47 7.08 -19.02 13.37
C VAL A 47 6.71 -18.43 14.73
N ALA A 48 7.45 -18.85 15.77
CA ALA A 48 7.18 -18.36 17.11
C ALA A 48 7.61 -16.92 17.24
N PRO A 49 6.83 -16.10 17.97
CA PRO A 49 7.18 -14.65 18.04
C PRO A 49 8.56 -14.37 18.61
N GLU A 50 9.03 -15.22 19.53
CA GLU A 50 10.37 -15.02 20.06
C GLU A 50 11.51 -15.26 19.08
N ASP A 51 11.20 -15.79 17.90
CA ASP A 51 12.22 -16.06 16.93
C ASP A 51 12.38 -14.92 15.91
N VAL A 52 11.53 -13.91 16.03
CA VAL A 52 11.64 -12.73 15.16
C VAL A 52 12.86 -11.92 15.52
N SER A 53 13.64 -11.51 14.49
CA SER A 53 14.85 -10.70 14.70
C SER A 53 14.51 -9.22 14.98
N GLU A 54 13.59 -8.73 14.15
CA GLU A 54 13.13 -7.36 14.23
C GLU A 54 11.79 -7.23 13.45
N VAL A 55 11.11 -6.10 13.72
CA VAL A 55 9.89 -5.72 13.06
C VAL A 55 10.11 -4.33 12.42
N ILE A 56 9.76 -4.24 11.14
CA ILE A 56 9.96 -3.00 10.37
C ILE A 56 8.65 -2.67 9.68
N PHE A 57 8.04 -1.54 10.02
CA PHE A 57 6.75 -1.16 9.40
C PHE A 57 6.80 0.25 8.83
N GLY A 58 6.16 0.40 7.68
CA GLY A 58 5.84 1.70 7.14
C GLY A 58 4.67 2.34 7.87
N HIS A 59 4.75 3.65 8.08
CA HIS A 59 3.74 4.40 8.79
C HIS A 59 3.96 5.88 8.53
N VAL A 60 2.95 6.55 8.00
CA VAL A 60 3.10 7.93 7.55
C VAL A 60 2.58 8.97 8.52
N LEU A 61 1.35 8.77 8.95
CA LEU A 61 0.62 9.79 9.73
C LEU A 61 0.58 9.32 11.19
N ALA A 62 1.64 9.64 11.89
CA ALA A 62 1.88 9.04 13.19
C ALA A 62 1.50 9.99 14.35
N ALA A 63 1.03 11.17 14.04
CA ALA A 63 0.66 12.11 15.08
C ALA A 63 -0.47 11.54 15.93
N GLY A 64 -0.22 11.60 17.24
CA GLY A 64 -1.16 11.17 18.25
C GLY A 64 -1.20 9.69 18.50
N CYS A 65 -0.34 8.94 17.80
CA CYS A 65 -0.30 7.50 17.96
C CYS A 65 0.54 6.96 19.13
N GLY A 66 1.23 7.88 19.81
CA GLY A 66 2.09 7.55 20.93
C GLY A 66 3.51 7.18 20.51
N GLN A 67 4.33 6.84 21.49
CA GLN A 67 5.70 6.50 21.22
C GLN A 67 5.76 5.27 20.35
N ASN A 68 6.49 5.43 19.26
CA ASN A 68 6.85 4.35 18.32
C ASN A 68 5.77 3.31 18.18
N PRO A 69 4.72 3.66 17.49
CA PRO A 69 3.59 2.75 17.31
C PRO A 69 3.90 1.35 16.73
N VAL A 70 5.00 1.24 15.99
CA VAL A 70 5.36 -0.07 15.45
C VAL A 70 5.80 -1.00 16.61
N ARG A 71 6.52 -0.45 17.58
CA ARG A 71 6.85 -1.25 18.77
C ARG A 71 5.58 -1.64 19.56
N GLN A 72 4.62 -0.73 19.64
CA GLN A 72 3.34 -1.06 20.24
C GLN A 72 2.69 -2.20 19.47
N ALA A 73 2.71 -2.13 18.13
CA ALA A 73 2.11 -3.19 17.35
C ALA A 73 2.78 -4.54 17.55
N SER A 74 4.11 -4.51 17.57
CA SER A 74 4.90 -5.73 17.77
C SER A 74 4.57 -6.43 19.10
N VAL A 75 4.65 -5.66 20.17
CA VAL A 75 4.40 -6.20 21.51
C VAL A 75 2.93 -6.67 21.62
N GLY A 76 2.03 -5.90 21.02
CA GLY A 76 0.63 -6.24 21.05
C GLY A 76 0.28 -7.51 20.28
N ALA A 77 1.18 -7.91 19.37
CA ALA A 77 1.08 -9.17 18.62
C ALA A 77 1.64 -10.37 19.36
N GLY A 78 2.23 -10.15 20.54
CA GLY A 78 2.90 -11.18 21.26
C GLY A 78 4.38 -11.31 21.07
N ILE A 79 5.00 -10.38 20.33
CA ILE A 79 6.46 -10.41 20.19
C ILE A 79 7.08 -9.82 21.45
N PRO A 80 8.08 -10.50 21.98
CA PRO A 80 8.67 -10.05 23.24
C PRO A 80 9.38 -8.70 23.19
N TYR A 81 9.53 -8.08 24.34
CA TYR A 81 10.27 -6.84 24.44
C TYR A 81 11.74 -6.91 23.97
N SER A 82 12.31 -8.10 23.93
CA SER A 82 13.67 -8.30 23.47
C SER A 82 13.82 -8.01 21.95
N VAL A 83 12.72 -7.94 21.20
CA VAL A 83 12.77 -7.79 19.74
C VAL A 83 12.62 -6.32 19.32
N PRO A 84 13.65 -5.74 18.71
CA PRO A 84 13.51 -4.37 18.24
C PRO A 84 12.42 -4.22 17.17
N ALA A 85 11.82 -3.02 17.16
CA ALA A 85 10.73 -2.70 16.25
C ALA A 85 10.78 -1.22 15.97
N TRP A 86 10.63 -0.87 14.69
CA TRP A 86 10.84 0.52 14.28
C TRP A 86 10.12 0.82 12.98
N SER A 87 10.03 2.10 12.62
CA SER A 87 9.25 2.50 11.45
C SER A 87 10.08 3.22 10.41
N CYS A 88 9.56 3.10 9.20
CA CYS A 88 10.10 3.86 8.09
C CYS A 88 8.98 4.68 7.45
N GLN A 89 9.37 5.84 6.87
CA GLN A 89 8.45 6.74 6.18
C GLN A 89 9.08 7.10 4.86
N MET A 90 8.31 6.80 3.82
CA MET A 90 8.63 7.16 2.45
C MET A 90 7.24 7.34 1.75
N ILE A 91 6.36 8.13 2.40
CA ILE A 91 4.94 8.38 2.03
C ILE A 91 4.25 7.13 1.54
N CSO A 92 3.70 7.12 0.33
CA CSO A 92 2.93 5.94 -0.15
CB CSO A 92 2.18 6.22 -1.46
SG CSO A 92 1.10 7.65 -1.25
C CSO A 92 3.82 4.70 -0.38
O CSO A 92 3.32 3.60 -0.46
OD CSO A 92 2.11 9.19 -1.83
N GLY A 93 5.14 4.90 -0.47
CA GLY A 93 6.03 3.78 -0.64
C GLY A 93 6.37 3.06 0.66
N SER A 94 5.96 3.63 1.78
CA SER A 94 6.47 3.17 3.07
C SER A 94 6.33 1.68 3.35
N GLY A 95 5.13 1.13 3.06
CA GLY A 95 4.91 -0.26 3.35
C GLY A 95 5.73 -1.22 2.50
N LEU A 96 6.08 -0.82 1.28
CA LEU A 96 6.98 -1.60 0.46
C LEU A 96 8.44 -1.38 0.81
N LYS A 97 8.77 -0.14 1.16
CA LYS A 97 10.09 0.17 1.64
C LYS A 97 10.47 -0.70 2.87
N ALA A 98 9.50 -0.90 3.76
CA ALA A 98 9.74 -1.75 4.95
C ALA A 98 10.24 -3.15 4.55
N VAL A 99 9.58 -3.71 3.53
CA VAL A 99 9.97 -5.01 2.98
C VAL A 99 11.37 -4.98 2.40
N CYS A 100 11.68 -3.95 1.64
CA CYS A 100 13.02 -3.76 1.06
C CYS A 100 14.10 -3.65 2.15
N LEU A 101 13.77 -2.96 3.23
CA LEU A 101 14.70 -2.82 4.36
C LEU A 101 14.97 -4.18 5.02
N ALA A 102 13.90 -4.98 5.15
CA ALA A 102 14.05 -6.34 5.64
C ALA A 102 14.96 -7.18 4.73
N VAL A 103 14.78 -7.04 3.41
CA VAL A 103 15.66 -7.70 2.43
C VAL A 103 17.13 -7.36 2.70
N GLN A 104 17.42 -6.09 2.96
CA GLN A 104 18.76 -5.67 3.25
C GLN A 104 19.28 -6.27 4.56
N SER A 105 18.51 -6.18 5.64
CA SER A 105 18.97 -6.65 6.92
C SER A 105 19.19 -8.16 6.92
N ILE A 106 18.33 -8.90 6.24
CA ILE A 106 18.51 -10.33 6.11
C ILE A 106 19.67 -10.67 5.20
N GLY A 107 19.71 -10.00 4.07
CA GLY A 107 20.73 -10.28 3.08
C GLY A 107 22.15 -10.05 3.55
N ILE A 108 22.34 -9.04 4.38
CA ILE A 108 23.66 -8.69 4.91
C ILE A 108 24.01 -9.54 6.13
N GLY A 109 23.04 -10.29 6.68
CA GLY A 109 23.30 -11.20 7.78
C GLY A 109 22.99 -10.68 9.17
N ASP A 110 22.40 -9.48 9.26
CA ASP A 110 22.06 -8.88 10.55
C ASP A 110 20.83 -9.48 11.20
N SER A 111 19.86 -9.85 10.38
CA SER A 111 18.59 -10.42 10.85
C SER A 111 18.36 -11.79 10.16
N SER A 112 17.72 -12.69 10.86
CA SER A 112 17.33 -13.99 10.34
C SER A 112 15.88 -14.02 9.89
N ILE A 113 14.98 -13.49 10.73
CA ILE A 113 13.54 -13.45 10.41
C ILE A 113 13.05 -12.06 10.73
N VAL A 114 12.37 -11.45 9.75
CA VAL A 114 11.82 -10.12 9.88
C VAL A 114 10.33 -10.16 9.58
N VAL A 115 9.54 -9.48 10.42
CA VAL A 115 8.16 -9.19 10.05
C VAL A 115 8.18 -7.74 9.55
N ALA A 116 7.84 -7.59 8.27
CA ALA A 116 7.75 -6.28 7.66
C ALA A 116 6.31 -6.00 7.24
N GLY A 117 5.97 -4.73 7.14
CA GLY A 117 4.61 -4.41 6.73
C GLY A 117 4.39 -2.92 6.68
N GLY A 118 3.12 -2.55 6.65
CA GLY A 118 2.76 -1.16 6.79
C GLY A 118 1.39 -1.03 7.42
N MET A 119 1.12 0.18 7.92
CA MET A 119 -0.11 0.41 8.66
C MET A 119 -0.50 1.86 8.58
N GLU A 120 -1.82 2.12 8.56
CA GLU A 120 -2.28 3.50 8.58
C GLU A 120 -3.72 3.55 9.05
N ASN A 121 -4.01 4.44 9.98
CA ASN A 121 -5.40 4.76 10.30
C ASN A 121 -5.58 6.25 10.00
N MET A 122 -6.02 6.56 8.79
CA MET A 122 -6.20 7.93 8.39
C MET A 122 -7.36 8.59 9.07
N SER A 123 -8.38 7.80 9.42
CA SER A 123 -9.55 8.33 10.15
C SER A 123 -9.11 8.98 11.48
N LYS A 124 -8.12 8.37 12.13
CA LYS A 124 -7.63 8.85 13.41
C LYS A 124 -6.55 9.93 13.32
N ALA A 125 -6.21 10.38 12.11
CA ALA A 125 -5.21 11.47 11.96
C ALA A 125 -5.80 12.73 12.54
N PRO A 126 -5.07 13.41 13.40
CA PRO A 126 -5.58 14.62 14.02
C PRO A 126 -5.41 15.90 13.21
N HIS A 127 -6.06 16.95 13.74
CA HIS A 127 -5.80 18.30 13.33
C HIS A 127 -4.72 18.88 14.22
N LEU A 128 -4.01 19.90 13.72
CA LEU A 128 -2.79 20.41 14.32
C LEU A 128 -2.89 21.90 14.60
N ALA A 129 -2.45 22.31 15.79
CA ALA A 129 -2.40 23.77 16.18
C ALA A 129 -1.05 24.06 16.82
N TYR A 130 -0.45 25.17 16.44
CA TYR A 130 0.85 25.59 17.00
C TYR A 130 0.58 26.61 18.10
N LEU A 131 0.79 26.17 19.32
CA LEU A 131 0.38 26.93 20.48
C LEU A 131 1.48 27.48 21.38
N ARG A 132 2.73 27.15 21.10
CA ARG A 132 3.79 27.52 22.05
C ARG A 132 4.22 28.99 22.02
N THR A 133 4.04 29.73 20.92
CA THR A 133 4.46 31.14 20.91
C THR A 133 3.31 31.88 21.63
N GLY A 134 2.11 31.69 21.13
CA GLY A 134 0.96 32.31 21.76
C GLY A 134 0.61 33.51 20.92
N VAL A 135 -0.61 33.50 20.40
CA VAL A 135 -1.01 34.49 19.45
C VAL A 135 -1.66 35.60 20.26
N LYS A 136 -0.97 36.71 20.31
CA LYS A 136 -1.47 37.96 20.86
C LYS A 136 -2.89 38.25 20.38
N ILE A 137 -3.10 38.37 19.06
CA ILE A 137 -4.40 38.69 18.46
C ILE A 137 -4.48 38.22 17.05
N GLY A 138 -5.52 37.48 16.71
CA GLY A 138 -5.72 36.99 15.36
C GLY A 138 -6.09 35.52 15.32
N GLU A 139 -6.56 35.07 14.18
CA GLU A 139 -7.00 33.69 13.96
C GLU A 139 -5.75 32.80 13.88
N MET A 140 -5.93 31.55 14.27
CA MET A 140 -4.92 30.52 14.10
C MET A 140 -5.60 29.32 13.43
N PRO A 141 -4.91 28.63 12.54
CA PRO A 141 -5.51 27.45 11.90
C PRO A 141 -5.37 26.18 12.75
N LEU A 142 -6.40 25.35 12.67
CA LEU A 142 -6.32 23.94 13.00
C LEU A 142 -6.14 23.23 11.64
N THR A 143 -4.89 22.87 11.38
CA THR A 143 -4.47 22.28 10.12
C THR A 143 -4.77 20.77 10.10
N ASP A 144 -5.25 20.27 8.97
CA ASP A 144 -5.57 18.85 8.83
C ASP A 144 -4.28 18.07 8.51
N SER A 145 -3.85 17.20 9.44
CA SER A 145 -2.57 16.51 9.21
C SER A 145 -2.58 15.64 7.95
N ILE A 146 -3.74 15.12 7.56
CA ILE A 146 -3.80 14.34 6.33
C ILE A 146 -3.39 15.19 5.14
N LEU A 147 -3.97 16.40 5.04
CA LEU A 147 -3.61 17.31 3.96
C LEU A 147 -2.16 17.83 4.07
N CYS A 148 -1.80 18.23 5.30
CA CYS A 148 -0.50 18.90 5.53
C CYS A 148 0.66 17.92 5.25
N ASP A 149 0.58 16.76 5.89
CA ASP A 149 1.69 15.82 5.97
C ASP A 149 1.54 14.65 4.98
N GLY A 150 0.31 14.35 4.59
CA GLY A 150 0.04 13.22 3.76
C GLY A 150 -0.09 13.53 2.26
N LEU A 151 -0.84 14.60 1.91
CA LEU A 151 -1.37 14.74 0.57
C LEU A 151 -1.00 15.99 -0.19
N THR A 152 -0.22 16.86 0.44
CA THR A 152 0.21 18.12 -0.22
C THR A 152 1.67 18.07 -0.55
N ASP A 153 1.99 18.28 -1.81
CA ASP A 153 3.37 18.35 -2.22
C ASP A 153 4.09 19.56 -1.57
N ALA A 154 5.27 19.29 -0.99
CA ALA A 154 6.03 20.32 -0.31
C ALA A 154 6.68 21.33 -1.24
N PHE A 155 6.92 20.95 -2.48
CA PHE A 155 7.70 21.79 -3.41
C PHE A 155 6.82 22.75 -4.17
N HIS A 156 5.58 22.34 -4.41
CA HIS A 156 4.65 23.14 -5.23
C HIS A 156 3.38 23.52 -4.49
N ASN A 157 3.20 23.09 -3.22
CA ASN A 157 2.05 23.38 -2.39
C ASN A 157 0.75 23.06 -3.14
N CYS A 158 0.70 21.90 -3.74
CA CYS A 158 -0.48 21.42 -4.41
C CYS A 158 -0.83 20.01 -3.95
N HIS A 159 -2.08 19.66 -4.03
CA HIS A 159 -2.54 18.29 -3.70
C HIS A 159 -1.89 17.28 -4.66
N MET A 160 -1.71 16.06 -4.17
CA MET A 160 -1.40 14.97 -5.06
C MET A 160 -2.32 14.91 -6.26
N GLY A 161 -3.61 15.22 -6.09
CA GLY A 161 -4.49 15.19 -7.25
C GLY A 161 -4.13 16.19 -8.33
N ILE A 162 -3.50 17.33 -7.96
CA ILE A 162 -2.99 18.26 -9.00
C ILE A 162 -1.80 17.65 -9.75
N THR A 163 -0.94 16.91 -9.03
CA THR A 163 0.10 16.18 -9.76
C THR A 163 -0.51 15.16 -10.72
N ALA A 164 -1.64 14.56 -10.34
CA ALA A 164 -2.31 13.64 -11.23
C ALA A 164 -2.83 14.35 -12.47
N GLU A 165 -3.34 15.57 -12.29
CA GLU A 165 -3.80 16.35 -13.44
C GLU A 165 -2.60 16.67 -14.35
N ASN A 166 -1.45 16.96 -13.75
CA ASN A 166 -0.25 17.21 -14.53
C ASN A 166 0.11 16.02 -15.43
N VAL A 167 0.05 14.83 -14.84
CA VAL A 167 0.32 13.58 -15.57
C VAL A 167 -0.76 13.33 -16.64
N ALA A 168 -2.03 13.56 -16.29
CA ALA A 168 -3.16 13.40 -17.28
C ALA A 168 -2.90 14.29 -18.49
N LYS A 169 -2.46 15.51 -18.28
CA LYS A 169 -2.19 16.43 -19.39
C LYS A 169 -1.00 15.97 -20.21
N LYS A 170 0.11 15.66 -19.54
CA LYS A 170 1.34 15.34 -20.26
C LYS A 170 1.25 14.00 -20.98
N TRP A 171 0.61 12.98 -20.35
CA TRP A 171 0.46 11.69 -20.96
C TRP A 171 -0.87 11.53 -21.70
N GLN A 172 -1.65 12.60 -21.79
CA GLN A 172 -2.86 12.61 -22.62
C GLN A 172 -3.85 11.51 -22.22
N VAL A 173 -4.16 11.52 -20.94
CA VAL A 173 -5.18 10.66 -20.38
C VAL A 173 -6.45 11.45 -20.11
N SER A 174 -7.43 11.27 -20.99
CA SER A 174 -8.66 12.03 -20.90
C SER A 174 -9.52 11.61 -19.68
N ARG A 175 -10.48 12.47 -19.34
CA ARG A 175 -11.52 12.21 -18.39
C ARG A 175 -12.19 10.83 -18.69
N GLU A 176 -12.53 10.62 -19.96
CA GLU A 176 -13.19 9.39 -20.32
C GLU A 176 -12.29 8.18 -20.08
N ASP A 177 -11.03 8.30 -20.49
CA ASP A 177 -10.01 7.26 -20.23
C ASP A 177 -9.96 6.92 -18.72
N GLN A 178 -9.96 7.97 -17.88
CA GLN A 178 -9.83 7.82 -16.46
C GLN A 178 -11.03 7.11 -15.86
N ASP A 179 -12.23 7.51 -16.29
CA ASP A 179 -13.44 6.88 -15.75
C ASP A 179 -13.51 5.43 -16.19
N LYS A 180 -13.11 5.15 -17.41
CA LYS A 180 -13.04 3.72 -17.88
C LYS A 180 -12.12 2.86 -16.98
N VAL A 181 -10.95 3.41 -16.68
CA VAL A 181 -10.03 2.71 -15.78
C VAL A 181 -10.66 2.51 -14.41
N ALA A 182 -11.29 3.55 -13.90
CA ALA A 182 -11.97 3.46 -12.59
C ALA A 182 -13.09 2.41 -12.56
N VAL A 183 -13.95 2.42 -13.58
CA VAL A 183 -15.05 1.40 -13.66
C VAL A 183 -14.44 -0.02 -13.73
N LEU A 184 -13.39 -0.19 -14.51
CA LEU A 184 -12.71 -1.46 -14.61
C LEU A 184 -12.19 -1.90 -13.27
N SER A 185 -11.55 -0.98 -12.55
CA SER A 185 -11.01 -1.31 -11.21
C SER A 185 -12.16 -1.76 -10.28
N GLN A 186 -13.25 -0.99 -10.27
CA GLN A 186 -14.41 -1.34 -9.45
C GLN A 186 -14.97 -2.70 -9.79
N ASN A 187 -15.16 -2.94 -11.09
CA ASN A 187 -15.72 -4.21 -11.53
C ASN A 187 -14.81 -5.44 -11.23
N ARG A 188 -13.52 -5.24 -11.43
CA ARG A 188 -12.55 -6.28 -11.09
C ARG A 188 -12.58 -6.62 -9.62
N THR A 189 -12.68 -5.58 -8.79
CA THR A 189 -12.71 -5.85 -7.34
C THR A 189 -13.99 -6.56 -6.95
N GLU A 190 -15.11 -6.08 -7.51
CA GLU A 190 -16.40 -6.71 -7.23
C GLU A 190 -16.37 -8.19 -7.64
N ASN A 191 -15.82 -8.48 -8.81
CA ASN A 191 -15.67 -9.84 -9.27
C ASN A 191 -14.79 -10.67 -8.33
N ALA A 192 -13.68 -10.07 -7.91
CA ALA A 192 -12.75 -10.78 -7.02
C ALA A 192 -13.42 -11.09 -5.69
N GLN A 193 -14.18 -10.13 -5.23
CA GLN A 193 -14.90 -10.31 -3.97
C GLN A 193 -15.90 -11.45 -4.08
N LYS A 194 -16.71 -11.43 -5.13
CA LYS A 194 -17.77 -12.43 -5.31
C LYS A 194 -17.16 -13.84 -5.39
N ALA A 195 -16.00 -13.93 -6.02
CA ALA A 195 -15.29 -15.17 -6.26
C ALA A 195 -14.48 -15.66 -5.07
N GLY A 196 -14.41 -14.82 -4.04
CA GLY A 196 -13.68 -15.17 -2.82
C GLY A 196 -12.18 -15.05 -2.89
N HIS A 197 -11.68 -14.33 -3.89
CA HIS A 197 -10.25 -14.20 -4.11
C HIS A 197 -9.47 -13.54 -2.98
N PHE A 198 -10.14 -12.69 -2.16
CA PHE A 198 -9.43 -12.04 -1.05
C PHE A 198 -9.57 -12.80 0.27
N ASP A 199 -10.37 -13.89 0.29
CA ASP A 199 -10.62 -14.58 1.57
C ASP A 199 -9.32 -15.02 2.26
N LYS A 200 -8.39 -15.57 1.48
CA LYS A 200 -7.19 -16.13 2.02
C LYS A 200 -6.34 -15.01 2.64
N GLU A 201 -6.15 -13.89 1.92
CA GLU A 201 -5.23 -12.84 2.39
C GLU A 201 -5.75 -12.05 3.59
N ILE A 202 -7.06 -11.89 3.64
CA ILE A 202 -7.68 -11.07 4.71
C ILE A 202 -7.62 -11.83 6.04
N VAL A 203 -7.26 -11.07 7.06
CA VAL A 203 -7.43 -11.47 8.43
C VAL A 203 -8.45 -10.55 9.07
N PRO A 204 -9.47 -11.11 9.72
CA PRO A 204 -10.48 -10.25 10.35
C PRO A 204 -9.90 -9.36 11.44
N VAL A 205 -10.52 -8.20 11.63
CA VAL A 205 -10.22 -7.27 12.70
C VAL A 205 -11.37 -7.33 13.69
N LEU A 206 -11.03 -7.40 14.97
CA LEU A 206 -12.04 -7.35 16.03
C LEU A 206 -12.31 -5.90 16.41
N VAL A 207 -13.57 -5.49 16.43
CA VAL A 207 -13.96 -4.13 16.76
C VAL A 207 -14.98 -4.21 17.91
N SER A 208 -14.64 -3.54 19.01
CA SER A 208 -15.58 -3.37 20.15
C SER A 208 -16.64 -2.32 19.83
N THR A 209 -17.90 -2.77 19.90
CA THR A 209 -19.06 -2.00 19.51
C THR A 209 -20.01 -2.00 20.71
N ARG A 210 -20.94 -1.04 20.72
CA ARG A 210 -21.97 -0.97 21.79
C ARG A 210 -22.76 -2.30 21.85
N LYS A 211 -23.13 -2.78 20.67
CA LYS A 211 -23.80 -4.06 20.51
C LYS A 211 -22.88 -5.26 20.77
N GLY A 212 -21.62 -5.01 21.15
CA GLY A 212 -20.63 -6.07 21.43
C GLY A 212 -19.44 -6.10 20.44
N LEU A 213 -18.58 -7.10 20.60
CA LEU A 213 -17.44 -7.31 19.71
C LEU A 213 -17.86 -7.94 18.40
N ILE A 214 -17.39 -7.37 17.30
CA ILE A 214 -17.69 -7.95 15.98
C ILE A 214 -16.40 -8.13 15.20
N GLU A 215 -16.44 -9.02 14.23
CA GLU A 215 -15.34 -9.16 13.26
C GLU A 215 -15.68 -8.40 11.98
N VAL A 216 -14.68 -7.70 11.44
CA VAL A 216 -14.81 -6.99 10.17
C VAL A 216 -13.91 -7.71 9.18
N LYS A 217 -14.54 -8.26 8.14
CA LYS A 217 -13.82 -9.09 7.18
C LYS A 217 -14.13 -8.89 5.71
N THR A 218 -14.86 -7.83 5.40
CA THR A 218 -15.08 -7.43 4.02
C THR A 218 -14.53 -6.03 3.77
N ASP A 219 -13.81 -5.83 2.68
CA ASP A 219 -13.39 -4.46 2.28
C ASP A 219 -14.58 -3.52 2.13
N GLU A 220 -14.45 -2.32 2.67
CA GLU A 220 -15.60 -1.39 2.80
C GLU A 220 -15.76 -0.39 1.65
N PHE A 221 -14.66 -0.05 1.01
CA PHE A 221 -14.59 1.03 0.02
C PHE A 221 -15.19 0.73 -1.36
N PRO A 222 -15.20 -0.53 -1.83
CA PRO A 222 -15.73 -0.75 -3.19
C PRO A 222 -17.15 -0.24 -3.39
N ARG A 223 -17.33 0.29 -4.58
CA ARG A 223 -18.66 0.78 -5.04
C ARG A 223 -19.22 -0.17 -6.10
N HIS A 224 -19.94 -1.18 -5.63
CA HIS A 224 -20.51 -2.21 -6.52
C HIS A 224 -21.49 -1.56 -7.49
N GLY A 225 -21.48 -2.09 -8.71
CA GLY A 225 -22.36 -1.56 -9.77
C GLY A 225 -21.88 -0.25 -10.33
N SER A 226 -20.60 0.04 -10.15
CA SER A 226 -20.05 1.26 -10.72
C SER A 226 -20.22 1.29 -12.23
N ASN A 227 -20.48 2.47 -12.77
CA ASN A 227 -20.73 2.59 -14.21
C ASN A 227 -20.33 3.95 -14.72
N ILE A 228 -19.99 3.97 -16.01
CA ILE A 228 -19.48 5.18 -16.57
C ILE A 228 -20.50 6.30 -16.65
N GLU A 229 -21.78 5.95 -16.84
CA GLU A 229 -22.80 7.01 -16.86
C GLU A 229 -22.78 7.82 -15.56
N ALA A 230 -22.77 7.14 -14.42
CA ALA A 230 -22.79 7.85 -13.15
C ALA A 230 -21.45 8.62 -12.94
N MET A 231 -20.34 8.00 -13.33
CA MET A 231 -19.04 8.61 -13.07
C MET A 231 -18.89 9.86 -13.92
N SER A 232 -19.44 9.80 -15.13
CA SER A 232 -19.36 10.93 -16.09
C SER A 232 -20.03 12.20 -15.58
N LYS A 233 -20.96 12.09 -14.65
CA LYS A 233 -21.65 13.23 -14.12
C LYS A 233 -20.93 14.04 -13.06
N LEU A 234 -19.87 13.49 -12.47
CA LEU A 234 -19.24 14.15 -11.34
C LEU A 234 -18.34 15.30 -11.80
N LYS A 235 -18.18 16.30 -10.96
CA LYS A 235 -17.28 17.38 -11.31
C LYS A 235 -15.88 17.06 -10.83
N PRO A 236 -14.90 17.53 -11.57
CA PRO A 236 -13.49 17.49 -11.09
C PRO A 236 -13.36 18.13 -9.71
N TYR A 237 -12.58 17.48 -8.82
CA TYR A 237 -12.52 17.83 -7.41
C TYR A 237 -11.34 18.77 -7.10
N PHE A 238 -10.22 18.49 -7.76
CA PHE A 238 -8.96 19.17 -7.43
C PHE A 238 -8.69 20.41 -8.25
N LEU A 239 -9.12 20.37 -9.51
CA LEU A 239 -8.81 21.44 -10.46
C LEU A 239 -10.15 21.87 -11.01
N THR A 240 -10.58 23.08 -10.67
CA THR A 240 -11.99 23.44 -10.83
C THR A 240 -12.19 24.59 -11.78
N ASP A 241 -11.17 24.83 -12.61
CA ASP A 241 -11.16 25.95 -13.59
C ASP A 241 -11.68 25.55 -14.97
N GLY A 242 -12.36 24.40 -15.07
CA GLY A 242 -12.84 23.85 -16.34
C GLY A 242 -11.88 22.98 -17.13
N THR A 243 -10.61 22.82 -16.72
CA THR A 243 -9.71 21.91 -17.43
C THR A 243 -9.48 20.60 -16.63
N GLY A 244 -10.14 20.47 -15.50
CA GLY A 244 -9.90 19.32 -14.63
C GLY A 244 -10.53 18.02 -15.13
N THR A 245 -10.04 16.89 -14.59
CA THR A 245 -10.45 15.57 -15.03
C THR A 245 -10.58 14.57 -13.85
N VAL A 246 -9.87 14.80 -12.76
CA VAL A 246 -9.83 13.90 -11.60
C VAL A 246 -11.01 14.20 -10.69
N THR A 247 -11.77 13.16 -10.37
CA THR A 247 -12.92 13.25 -9.50
C THR A 247 -12.76 12.21 -8.36
N PRO A 248 -13.65 12.25 -7.39
CA PRO A 248 -13.58 11.23 -6.33
C PRO A 248 -13.77 9.82 -6.87
N ALA A 249 -14.47 9.66 -8.00
CA ALA A 249 -14.71 8.32 -8.54
C ALA A 249 -13.56 7.76 -9.35
N ASN A 250 -12.62 8.60 -9.80
CA ASN A 250 -11.45 8.10 -10.49
C ASN A 250 -10.15 8.30 -9.75
N ALA A 251 -10.26 8.57 -8.44
CA ALA A 251 -9.13 8.73 -7.53
C ALA A 251 -9.26 7.64 -6.45
N SER A 252 -8.11 7.24 -5.91
CA SER A 252 -8.10 6.46 -4.68
C SER A 252 -8.81 7.21 -3.56
N GLY A 253 -9.11 6.49 -2.50
CA GLY A 253 -9.73 7.05 -1.31
C GLY A 253 -8.70 7.37 -0.22
N ILE A 254 -9.23 7.94 0.83
CA ILE A 254 -8.57 8.03 2.14
C ILE A 254 -9.11 6.87 2.99
N ASN A 255 -8.22 6.04 3.57
CA ASN A 255 -8.63 4.77 4.11
C ASN A 255 -7.73 4.32 5.26
N ASP A 256 -8.19 3.23 5.90
CA ASP A 256 -7.57 2.63 7.08
C ASP A 256 -7.22 1.15 6.80
N GLY A 257 -6.05 0.66 7.27
CA GLY A 257 -5.71 -0.73 7.09
C GLY A 257 -4.26 -1.01 7.45
N ALA A 258 -3.96 -2.29 7.46
CA ALA A 258 -2.56 -2.75 7.67
C ALA A 258 -2.31 -4.05 6.87
N ALA A 259 -1.02 -4.34 6.66
CA ALA A 259 -0.61 -5.53 5.93
C ALA A 259 0.79 -5.92 6.46
N ALA A 260 1.10 -7.21 6.39
CA ALA A 260 2.42 -7.71 6.80
C ALA A 260 2.84 -8.94 6.01
N VAL A 261 4.14 -9.17 6.08
CA VAL A 261 4.79 -10.32 5.46
C VAL A 261 5.87 -10.85 6.43
N VAL A 262 6.16 -12.16 6.37
CA VAL A 262 7.26 -12.77 7.11
C VAL A 262 8.36 -13.14 6.11
N LEU A 263 9.57 -12.62 6.33
CA LEU A 263 10.72 -12.85 5.49
C LEU A 263 11.84 -13.59 6.22
N MET A 264 12.56 -14.42 5.47
CA MET A 264 13.76 -15.10 5.95
C MET A 264 14.52 -15.58 4.72
N LYS A 265 15.75 -16.04 4.91
CA LYS A 265 16.45 -16.64 3.77
C LYS A 265 15.78 -17.95 3.33
N LYS A 266 15.93 -18.27 2.04
CA LYS A 266 15.51 -19.56 1.52
C LYS A 266 16.06 -20.71 2.38
N SER A 267 17.34 -20.63 2.75
CA SER A 267 17.94 -21.69 3.56
C SER A 267 17.27 -21.87 4.92
N GLU A 268 16.82 -20.76 5.48
CA GLU A 268 16.12 -20.81 6.77
C GLU A 268 14.68 -21.40 6.63
N ALA A 269 14.01 -21.04 5.54
CA ALA A 269 12.71 -21.62 5.22
C ALA A 269 12.88 -23.13 5.00
N ASP A 270 13.91 -23.53 4.26
CA ASP A 270 14.19 -24.93 4.04
C ASP A 270 14.44 -25.66 5.36
N LYS A 271 15.28 -25.09 6.23
CA LYS A 271 15.57 -25.65 7.57
C LYS A 271 14.31 -25.91 8.34
N ARG A 272 13.40 -24.95 8.26
CA ARG A 272 12.16 -24.96 9.03
C ARG A 272 11.03 -25.74 8.35
N GLY A 273 11.26 -26.30 7.17
CA GLY A 273 10.21 -27.01 6.43
C GLY A 273 9.07 -26.12 5.96
N LEU A 274 9.40 -24.91 5.55
CA LEU A 274 8.39 -23.95 5.10
C LEU A 274 8.54 -23.74 3.60
N THR A 275 7.41 -23.84 2.89
CA THR A 275 7.38 -23.53 1.49
C THR A 275 6.98 -22.07 1.34
N PRO A 276 7.84 -21.24 0.78
CA PRO A 276 7.43 -19.81 0.66
C PRO A 276 6.42 -19.53 -0.42
N LEU A 277 5.80 -18.37 -0.29
CA LEU A 277 4.94 -17.86 -1.33
C LEU A 277 5.73 -17.49 -2.56
N ALA A 278 6.90 -16.87 -2.35
CA ALA A 278 7.76 -16.38 -3.43
C ALA A 278 9.12 -16.01 -2.89
N ARG A 279 10.07 -15.92 -3.83
CA ARG A 279 11.35 -15.37 -3.53
C ARG A 279 11.37 -13.90 -4.05
N ILE A 280 12.13 -13.04 -3.34
CA ILE A 280 12.33 -11.68 -3.78
C ILE A 280 13.55 -11.70 -4.70
N VAL A 281 13.33 -11.19 -5.91
CA VAL A 281 14.33 -11.18 -7.00
C VAL A 281 15.14 -9.90 -7.04
N SER A 282 14.46 -8.77 -6.89
CA SER A 282 15.10 -7.47 -7.00
C SER A 282 14.13 -6.41 -6.47
N TRP A 283 14.67 -5.21 -6.28
CA TRP A 283 13.87 -4.05 -5.93
C TRP A 283 14.64 -2.81 -6.32
N SER A 284 13.91 -1.72 -6.46
CA SER A 284 14.46 -0.43 -6.83
C SER A 284 13.73 0.70 -6.12
N GLN A 285 14.47 1.76 -5.88
CA GLN A 285 13.92 3.06 -5.49
C GLN A 285 14.55 4.13 -6.37
N VAL A 286 13.70 5.04 -6.84
CA VAL A 286 14.09 6.10 -7.76
C VAL A 286 13.47 7.43 -7.41
N GLY A 287 14.05 8.48 -7.99
CA GLY A 287 13.54 9.82 -7.86
C GLY A 287 13.17 10.43 -9.21
N VAL A 288 12.09 11.22 -9.17
CA VAL A 288 11.61 11.96 -10.36
C VAL A 288 11.15 13.36 -9.90
N GLU A 289 10.62 14.13 -10.85
CA GLU A 289 10.14 15.49 -10.54
C GLU A 289 8.87 15.42 -9.69
N PRO A 290 8.77 16.25 -8.64
CA PRO A 290 7.57 16.22 -7.80
C PRO A 290 6.27 16.53 -8.52
N SER A 291 6.31 17.42 -9.53
CA SER A 291 5.08 17.81 -10.23
C SER A 291 4.40 16.67 -10.97
N ILE A 292 5.19 15.63 -11.26
CA ILE A 292 4.69 14.44 -11.97
C ILE A 292 5.07 13.17 -11.18
N MET A 293 4.94 13.25 -9.87
CA MET A 293 5.38 12.13 -9.02
C MET A 293 4.76 10.77 -9.39
N GLY A 294 3.56 10.84 -9.97
CA GLY A 294 2.77 9.66 -10.29
C GLY A 294 3.49 8.71 -11.22
N ILE A 295 4.40 9.24 -12.07
CA ILE A 295 5.14 8.40 -12.97
C ILE A 295 6.38 7.72 -12.38
N GLY A 296 6.62 7.89 -11.07
CA GLY A 296 7.70 7.18 -10.41
C GLY A 296 7.86 5.71 -10.78
N PRO A 297 6.76 4.94 -10.81
CA PRO A 297 6.86 3.53 -11.20
C PRO A 297 7.46 3.24 -12.54
N ILE A 298 7.46 4.18 -13.49
CA ILE A 298 8.04 3.87 -14.80
C ILE A 298 9.54 3.55 -14.63
N PRO A 299 10.37 4.49 -14.13
CA PRO A 299 11.78 4.14 -13.92
C PRO A 299 11.97 3.04 -12.87
N ALA A 300 11.14 3.04 -11.83
CA ALA A 300 11.35 2.02 -10.79
C ALA A 300 11.14 0.60 -11.35
N ILE A 301 10.05 0.41 -12.10
CA ILE A 301 9.79 -0.91 -12.66
C ILE A 301 10.89 -1.30 -13.65
N LYS A 302 11.25 -0.33 -14.51
CA LYS A 302 12.27 -0.63 -15.52
C LYS A 302 13.57 -1.11 -14.85
N GLN A 303 13.98 -0.38 -13.80
CA GLN A 303 15.23 -0.70 -13.10
C GLN A 303 15.15 -2.01 -12.37
N ALA A 304 14.03 -2.26 -11.69
CA ALA A 304 13.91 -3.52 -10.95
C ALA A 304 13.90 -4.74 -11.89
N VAL A 305 13.14 -4.61 -12.99
CA VAL A 305 13.07 -5.69 -14.00
C VAL A 305 14.42 -5.95 -14.62
N THR A 306 15.15 -4.90 -14.92
CA THR A 306 16.51 -5.04 -15.43
C THR A 306 17.43 -5.74 -14.43
N LYS A 307 17.35 -5.33 -13.16
CA LYS A 307 18.17 -5.96 -12.09
C LYS A 307 17.85 -7.44 -11.97
N ALA A 308 16.60 -7.81 -12.18
CA ALA A 308 16.15 -9.20 -12.10
C ALA A 308 16.65 -10.05 -13.26
N GLY A 309 17.14 -9.40 -14.32
CA GLY A 309 17.49 -10.09 -15.56
C GLY A 309 16.27 -10.46 -16.39
N TRP A 310 15.19 -9.70 -16.25
CA TRP A 310 13.95 -9.94 -16.94
C TRP A 310 13.69 -8.91 -18.02
N SER A 311 12.82 -9.28 -18.94
CA SER A 311 12.14 -8.32 -19.79
C SER A 311 10.79 -8.00 -19.22
N LEU A 312 10.22 -6.88 -19.58
CA LEU A 312 8.88 -6.54 -19.13
C LEU A 312 7.86 -7.62 -19.52
N GLU A 313 8.03 -8.26 -20.70
CA GLU A 313 7.11 -9.34 -21.10
C GLU A 313 7.14 -10.57 -20.19
N ASP A 314 8.24 -10.74 -19.46
CA ASP A 314 8.42 -11.90 -18.55
C ASP A 314 7.51 -11.76 -17.33
N VAL A 315 7.13 -10.52 -17.02
CA VAL A 315 6.28 -10.30 -15.82
C VAL A 315 4.85 -10.79 -16.06
N ASP A 316 4.42 -11.77 -15.26
CA ASP A 316 3.07 -12.30 -15.37
C ASP A 316 1.96 -11.39 -14.82
N ILE A 317 2.22 -10.75 -13.67
CA ILE A 317 1.21 -9.99 -12.96
C ILE A 317 1.93 -8.79 -12.33
N PHE A 318 1.33 -7.63 -12.49
CA PHE A 318 1.73 -6.37 -11.88
C PHE A 318 0.64 -5.93 -10.91
N GLU A 319 1.08 -5.43 -9.76
CA GLU A 319 0.27 -4.56 -8.89
C GLU A 319 0.98 -3.18 -8.91
N ILE A 320 0.30 -2.19 -9.49
CA ILE A 320 0.82 -0.83 -9.56
C ILE A 320 -0.24 0.01 -8.88
N ASN A 321 0.13 0.62 -7.77
CA ASN A 321 -0.90 1.22 -6.92
C ASN A 321 -1.68 2.29 -7.68
N GLU A 322 -2.99 2.19 -7.58
CA GLU A 322 -3.89 3.07 -8.29
C GLU A 322 -4.14 4.36 -7.52
N ALA A 323 -3.12 5.18 -7.36
CA ALA A 323 -3.28 6.44 -6.67
C ALA A 323 -4.43 7.27 -7.34
N PHE A 324 -4.37 7.32 -8.67
CA PHE A 324 -5.36 7.98 -9.50
C PHE A 324 -5.40 7.21 -10.81
N ALA A 325 -6.59 7.15 -11.41
CA ALA A 325 -6.71 6.52 -12.72
C ALA A 325 -5.80 7.19 -13.76
N ALA A 326 -5.65 8.51 -13.68
CA ALA A 326 -4.82 9.21 -14.63
C ALA A 326 -3.40 8.68 -14.63
N VAL A 327 -2.91 8.42 -13.42
CA VAL A 327 -1.55 7.95 -13.21
C VAL A 327 -1.38 6.49 -13.61
N SER A 328 -2.30 5.65 -13.18
CA SER A 328 -2.32 4.25 -13.59
C SER A 328 -2.29 4.09 -15.11
N ALA A 329 -3.14 4.88 -15.77
CA ALA A 329 -3.26 4.78 -17.20
C ALA A 329 -1.93 5.21 -17.86
N ALA A 330 -1.33 6.28 -17.32
CA ALA A 330 -0.05 6.81 -17.89
C ALA A 330 1.06 5.78 -17.81
N ILE A 331 1.15 5.09 -16.66
CA ILE A 331 2.17 4.07 -16.50
C ILE A 331 1.98 2.92 -17.48
N VAL A 332 0.76 2.43 -17.56
CA VAL A 332 0.43 1.34 -18.48
C VAL A 332 0.77 1.72 -19.93
N LYS A 333 0.38 2.93 -20.30
CA LYS A 333 0.55 3.43 -21.67
C LYS A 333 2.02 3.58 -22.01
N GLU A 334 2.77 4.22 -21.10
CA GLU A 334 4.20 4.44 -21.35
C GLU A 334 4.98 3.15 -21.44
N LEU A 335 4.73 2.23 -20.49
CA LEU A 335 5.43 0.99 -20.45
C LEU A 335 4.93 -0.01 -21.48
N GLY A 336 3.73 0.22 -22.01
CA GLY A 336 3.14 -0.72 -22.96
C GLY A 336 2.64 -2.03 -22.33
N LEU A 337 2.13 -1.94 -21.11
CA LEU A 337 1.72 -3.13 -20.41
C LEU A 337 0.34 -3.61 -20.87
N ASN A 338 0.13 -4.92 -20.76
CA ASN A 338 -1.16 -5.51 -21.01
C ASN A 338 -2.07 -5.25 -19.80
N PRO A 339 -3.19 -4.53 -19.98
CA PRO A 339 -4.11 -4.32 -18.88
C PRO A 339 -4.61 -5.58 -18.20
N GLU A 340 -4.67 -6.70 -18.91
CA GLU A 340 -5.09 -7.98 -18.31
C GLU A 340 -4.02 -8.60 -17.43
N LYS A 341 -2.88 -7.94 -17.31
CA LYS A 341 -1.80 -8.34 -16.39
C LYS A 341 -1.57 -7.36 -15.26
N VAL A 342 -2.34 -6.28 -15.22
CA VAL A 342 -2.14 -5.18 -14.30
C VAL A 342 -3.37 -4.98 -13.41
N ASN A 343 -3.19 -5.06 -12.09
CA ASN A 343 -4.24 -4.81 -11.11
C ASN A 343 -5.49 -5.63 -11.44
N ILE A 344 -5.29 -6.94 -11.57
CA ILE A 344 -6.36 -7.78 -12.07
C ILE A 344 -7.47 -8.08 -11.08
N GLU A 345 -7.20 -7.84 -9.79
CA GLU A 345 -8.22 -7.94 -8.73
C GLU A 345 -8.81 -6.59 -8.39
N GLY A 346 -8.52 -5.58 -9.23
CA GLY A 346 -8.83 -4.20 -8.92
C GLY A 346 -7.74 -3.56 -8.08
N GLY A 347 -7.83 -2.25 -7.92
CA GLY A 347 -6.81 -1.53 -7.20
C GLY A 347 -7.45 -0.49 -6.30
N ALA A 348 -6.61 0.41 -5.83
CA ALA A 348 -6.98 1.38 -4.78
C ALA A 348 -8.16 2.30 -5.09
N ILE A 349 -8.50 2.44 -6.37
CA ILE A 349 -9.74 3.20 -6.70
C ILE A 349 -10.93 2.53 -6.04
N ALA A 350 -10.96 1.22 -6.11
CA ALA A 350 -12.03 0.43 -5.53
C ALA A 350 -11.72 0.05 -4.09
N LEU A 351 -10.46 -0.35 -3.82
CA LEU A 351 -10.11 -0.92 -2.52
C LEU A 351 -9.72 0.08 -1.46
N GLY A 352 -9.17 1.21 -1.88
CA GLY A 352 -8.73 2.24 -0.95
C GLY A 352 -7.22 2.29 -0.79
N HIS A 353 -6.75 3.33 -0.09
CA HIS A 353 -5.33 3.64 -0.02
C HIS A 353 -4.91 4.19 1.33
N PRO A 354 -4.74 3.30 2.31
CA PRO A 354 -4.18 3.74 3.60
C PRO A 354 -2.66 3.95 3.42
N LEU A 355 -2.20 5.20 3.47
CA LEU A 355 -0.90 5.56 2.93
C LEU A 355 0.22 4.59 3.29
N GLY A 356 0.45 4.42 4.59
CA GLY A 356 1.58 3.59 5.02
C GLY A 356 1.44 2.12 4.80
N ALA A 357 0.20 1.67 4.61
CA ALA A 357 -0.09 0.26 4.42
C ALA A 357 0.00 -0.20 2.97
N SER A 358 -0.39 0.67 2.04
CA SER A 358 -0.59 0.23 0.64
C SER A 358 0.61 -0.48 0.01
N GLY A 359 1.83 -0.05 0.32
CA GLY A 359 2.98 -0.63 -0.33
C GLY A 359 3.12 -2.12 0.04
N CYS A 360 2.77 -2.49 1.29
CA CYS A 360 2.73 -3.91 1.64
C CYS A 360 1.42 -4.58 1.22
N ARG A 361 0.33 -3.87 1.28
CA ARG A 361 -0.97 -4.43 0.91
C ARG A 361 -0.91 -4.95 -0.52
N ILE A 362 -0.38 -4.14 -1.45
CA ILE A 362 -0.37 -4.61 -2.84
C ILE A 362 0.53 -5.80 -3.01
N LEU A 363 1.62 -5.87 -2.25
CA LEU A 363 2.47 -7.05 -2.28
C LEU A 363 1.73 -8.30 -1.80
N VAL A 364 0.98 -8.16 -0.71
CA VAL A 364 0.17 -9.26 -0.22
C VAL A 364 -0.78 -9.76 -1.28
N THR A 365 -1.53 -8.84 -1.90
CA THR A 365 -2.48 -9.20 -2.95
C THR A 365 -1.75 -9.85 -4.15
N LEU A 366 -0.63 -9.26 -4.56
CA LEU A 366 0.17 -9.86 -5.64
C LEU A 366 0.55 -11.31 -5.37
N LEU A 367 1.10 -11.56 -4.19
CA LEU A 367 1.59 -12.90 -3.86
C LEU A 367 0.47 -13.90 -3.92
N HIS A 368 -0.70 -13.50 -3.40
CA HIS A 368 -1.86 -14.40 -3.40
C HIS A 368 -2.49 -14.61 -4.78
N THR A 369 -2.37 -13.59 -5.62
CA THR A 369 -2.80 -13.74 -7.01
C THR A 369 -1.92 -14.67 -7.76
N LEU A 370 -0.58 -14.51 -7.61
CA LEU A 370 0.35 -15.44 -8.27
C LEU A 370 0.06 -16.87 -7.87
N GLU A 371 -0.14 -17.05 -6.55
CA GLU A 371 -0.39 -18.37 -6.00
C GLU A 371 -1.69 -18.97 -6.60
N ARG A 372 -2.76 -18.17 -6.53
CA ARG A 372 -4.08 -18.65 -6.96
C ARG A 372 -4.09 -19.03 -8.45
N MET A 373 -3.44 -18.19 -9.25
CA MET A 373 -3.48 -18.37 -10.68
C MET A 373 -2.35 -19.31 -11.20
N GLY A 374 -1.45 -19.72 -10.31
CA GLY A 374 -0.30 -20.51 -10.65
C GLY A 374 0.61 -19.85 -11.69
N ARG A 375 0.83 -18.56 -11.46
CA ARG A 375 1.75 -17.76 -12.29
C ARG A 375 3.04 -17.51 -11.50
N SER A 376 4.08 -17.08 -12.24
CA SER A 376 5.41 -17.13 -11.70
C SER A 376 5.99 -15.83 -11.27
N ARG A 377 5.95 -14.83 -12.15
CA ARG A 377 6.72 -13.58 -11.92
C ARG A 377 5.81 -12.42 -11.69
N GLY A 378 6.07 -11.66 -10.64
CA GLY A 378 5.27 -10.51 -10.32
C GLY A 378 6.09 -9.27 -10.03
N VAL A 379 5.42 -8.12 -10.21
CA VAL A 379 6.00 -6.82 -9.85
C VAL A 379 4.99 -6.04 -8.98
N ALA A 380 5.45 -5.46 -7.88
CA ALA A 380 4.69 -4.50 -7.12
C ALA A 380 5.39 -3.15 -7.23
N ALA A 381 4.61 -2.07 -7.43
CA ALA A 381 5.20 -0.74 -7.57
C ALA A 381 4.25 0.33 -7.17
N LEU A 382 4.84 1.41 -6.64
CA LEU A 382 4.06 2.59 -6.20
C LEU A 382 4.77 3.88 -6.54
N CYS A 383 3.97 4.91 -6.82
CA CYS A 383 4.45 6.30 -6.84
C CYS A 383 4.47 6.84 -5.42
N ILE A 384 5.25 7.92 -5.25
CA ILE A 384 5.47 8.49 -3.96
C ILE A 384 5.50 10.01 -4.09
N GLY A 385 4.69 10.65 -3.22
CA GLY A 385 4.67 12.11 -3.18
C GLY A 385 6.05 12.70 -2.97
N GLY A 386 6.29 13.83 -3.61
CA GLY A 386 7.61 14.44 -3.63
C GLY A 386 8.53 13.94 -4.75
N GLY A 387 8.04 12.98 -5.53
CA GLY A 387 8.72 12.51 -6.73
C GLY A 387 9.64 11.30 -6.48
N MET A 388 9.05 10.21 -5.99
CA MET A 388 9.78 8.96 -5.97
C MET A 388 8.93 7.82 -6.49
N GLY A 389 9.63 6.69 -6.72
CA GLY A 389 8.99 5.45 -7.09
C GLY A 389 9.71 4.31 -6.40
N ILE A 390 8.97 3.23 -6.17
CA ILE A 390 9.56 2.04 -5.60
C ILE A 390 8.90 0.81 -6.24
N ALA A 391 9.73 -0.20 -6.50
CA ALA A 391 9.26 -1.44 -7.13
C ALA A 391 10.00 -2.65 -6.65
N MET A 392 9.31 -3.79 -6.68
CA MET A 392 9.89 -5.07 -6.29
C MET A 392 9.45 -6.16 -7.23
N CYS A 393 10.40 -7.02 -7.59
CA CYS A 393 10.18 -8.20 -8.41
C CYS A 393 10.22 -9.42 -7.52
N VAL A 394 9.20 -10.25 -7.67
CA VAL A 394 9.08 -11.50 -6.92
C VAL A 394 8.83 -12.67 -7.89
N GLN A 395 9.21 -13.88 -7.45
CA GLN A 395 9.01 -15.08 -8.27
C GLN A 395 8.56 -16.26 -7.44
N ARG A 396 7.49 -16.86 -7.88
CA ARG A 396 6.84 -17.85 -7.09
C ARG A 396 7.65 -19.07 -6.90
N GLU A 397 7.67 -19.43 -5.60
CA GLU A 397 8.46 -20.49 -5.02
C GLU A 397 7.45 -21.54 -4.47
S SO4 B . -0.30 -17.19 3.74
O1 SO4 B . 0.42 -17.61 4.95
O2 SO4 B . 0.00 -18.16 2.66
O3 SO4 B . 0.20 -15.86 3.37
O4 SO4 B . -1.80 -17.14 3.80
S SO4 C . 7.96 -3.91 32.29
O1 SO4 C . 8.82 -3.86 33.51
O2 SO4 C . 8.43 -5.01 31.41
O3 SO4 C . 8.19 -2.65 31.54
O4 SO4 C . 6.55 -4.03 32.66
S SO4 D . -17.99 -7.89 7.42
O1 SO4 D . -17.34 -8.83 8.32
O2 SO4 D . -18.49 -8.77 6.36
O3 SO4 D . -17.11 -6.72 7.01
O4 SO4 D . -19.18 -7.24 8.05
N1A COA E . -19.48 5.77 -8.65
C2A COA E . -20.34 6.84 -8.61
N3A COA E . -20.15 7.91 -7.78
C4A COA E . -19.05 7.91 -6.97
C5A COA E . -18.13 6.87 -7.00
C6A COA E . -18.37 5.75 -7.83
N6A COA E . -17.55 4.69 -7.95
N7A COA E . -17.18 7.15 -6.08
C8A COA E . -17.43 8.37 -5.55
N9A COA E . -18.62 8.82 -6.09
C1B COA E . -19.41 9.99 -5.65
C2B COA E . -20.00 9.83 -4.27
O2B COA E . -21.18 9.08 -4.31
C3B COA E . -20.26 11.26 -3.94
O3B COA E . -21.42 11.60 -4.64
P3B COA E . -22.47 12.64 -3.92
O7A COA E . -22.75 12.10 -2.51
O8A COA E . -21.82 14.03 -3.86
O9A COA E . -23.73 12.73 -4.80
C4B COA E . -19.07 11.95 -4.60
O4B COA E . -18.51 11.03 -5.55
C5B COA E . -18.01 12.25 -3.57
O5B COA E . -17.59 11.04 -3.02
P1A COA E . -17.01 11.08 -1.56
O1A COA E . -16.53 9.60 -1.24
O2A COA E . -17.96 11.81 -0.59
O3A COA E . -15.74 12.06 -1.83
P2A COA E . -15.21 13.21 -0.81
O4A COA E . -15.86 14.56 -1.13
O5A COA E . -15.22 12.56 0.59
O6A COA E . -13.73 13.28 -1.43
CBP COA E . -11.54 12.73 -1.66
CCP COA E . -12.93 12.16 -1.28
CDP COA E . -11.43 12.90 -3.17
CEP COA E . -11.30 14.09 -0.97
CAP COA E . -10.54 11.66 -1.20
OAP COA E . -10.99 10.39 -1.58
C9P COA E . -9.15 11.86 -1.71
O9P COA E . -8.49 12.97 -1.36
N8P COA E . -8.52 10.92 -2.41
C7P COA E . -7.12 10.99 -2.80
C6P COA E . -6.18 10.52 -1.73
C5P COA E . -4.74 10.69 -2.16
O5P COA E . -4.37 11.70 -2.84
N4P COA E . -3.89 9.70 -1.81
C3P COA E . -2.47 9.84 -2.14
C2P COA E . -2.30 9.44 -3.58
S1P COA E . -0.72 9.92 -4.24
C1 GOL F . -21.99 2.57 -7.33
O1 GOL F . -21.84 1.87 -6.06
C2 GOL F . -23.46 2.90 -7.53
O2 GOL F . -23.88 3.85 -6.56
C3 GOL F . -23.82 3.38 -8.94
O3 GOL F . -23.18 4.57 -9.29
C1 GOL G . -20.76 -6.80 -12.74
O1 GOL G . -21.53 -7.79 -12.11
C2 GOL G . -19.27 -7.16 -12.95
O2 GOL G . -18.59 -6.36 -14.02
C3 GOL G . -18.72 -6.90 -11.54
O3 GOL G . -19.26 -7.86 -10.58
C1 GOL H . 6.96 17.10 -25.38
O1 GOL H . 8.04 16.17 -25.53
C2 GOL H . 7.35 18.58 -25.57
O2 GOL H . 6.53 19.28 -26.54
C3 GOL H . 7.66 19.29 -24.24
O3 GOL H . 6.59 19.75 -23.42
#